data_3IBX
#
_entry.id   3IBX
#
_cell.length_a   148.728
_cell.length_b   148.728
_cell.length_c   233.566
_cell.angle_alpha   90.00
_cell.angle_beta   90.00
_cell.angle_gamma   90.00
#
_symmetry.space_group_name_H-M   'I 41 2 2'
#
loop_
_entity.id
_entity.type
_entity.pdbx_description
1 polymer 'Putative thiaminase II'
2 water water
#
_entity_poly.entity_id   1
_entity_poly.type   'polypeptide(L)'
_entity_poly.pdbx_seq_one_letter_code
;DPFTMQVSQYLYQNAQSIWGDCISHPFVQGIGRGTLERDKFRFYIIQDYLYLLEYAKVFALGVVKACDEAVMREFSNAIQ
DILNNEMSIHNHYIRELQITQKELQNACPTLANKSYTSYMLAEGFKGSIKEVAAAVLSCGWSYLVIAQNLSQIPNALEHA
FYGHWIKGYSSKEFQACVNWNINLLDSLTLASSKQEIEKLKEIFITTSEYEYLFWDMAYQS
;
_entity_poly.pdbx_strand_id   A,D
#
# COMPACT_ATOMS: atom_id res chain seq x y z
N ASP A 1 13.94 -30.54 -12.57
CA ASP A 1 13.13 -31.23 -11.51
C ASP A 1 13.82 -32.54 -11.13
N PRO A 2 13.57 -33.08 -9.91
CA PRO A 2 13.14 -32.56 -8.60
C PRO A 2 14.25 -32.38 -7.53
N PHE A 3 15.52 -32.56 -7.92
CA PHE A 3 16.66 -32.13 -7.10
C PHE A 3 16.87 -30.61 -7.11
N THR A 4 16.00 -29.92 -7.86
CA THR A 4 16.14 -28.47 -7.95
C THR A 4 15.14 -27.74 -7.05
N MET A 5 15.61 -26.63 -6.50
CA MET A 5 14.82 -25.75 -5.65
C MET A 5 13.55 -25.32 -6.39
N GLN A 6 12.40 -25.50 -5.74
CA GLN A 6 11.12 -24.99 -6.23
C GLN A 6 10.85 -23.68 -5.51
N VAL A 7 10.71 -22.61 -6.28
CA VAL A 7 10.50 -21.29 -5.68
C VAL A 7 9.17 -21.14 -4.92
N SER A 8 8.12 -21.82 -5.38
CA SER A 8 6.85 -21.78 -4.67
C SER A 8 6.95 -22.39 -3.26
N GLN A 9 7.72 -23.47 -3.13
CA GLN A 9 7.92 -24.14 -1.83
C GLN A 9 8.74 -23.26 -0.90
N TYR A 10 9.71 -22.56 -1.49
CA TYR A 10 10.54 -21.61 -0.77
C TYR A 10 9.70 -20.44 -0.23
N LEU A 11 8.80 -19.91 -1.06
CA LEU A 11 7.89 -18.86 -0.61
C LEU A 11 6.93 -19.41 0.45
N TYR A 12 6.36 -20.58 0.21
CA TYR A 12 5.49 -21.23 1.19
C TYR A 12 6.12 -21.30 2.59
N GLN A 13 7.31 -21.88 2.67
CA GLN A 13 7.99 -22.04 3.97
C GLN A 13 8.19 -20.72 4.71
N ASN A 14 8.52 -19.67 3.97
CA ASN A 14 8.75 -18.36 4.55
C ASN A 14 7.49 -17.66 5.02
N ALA A 15 6.33 -18.17 4.59
CA ALA A 15 5.06 -17.58 4.96
C ALA A 15 4.27 -18.37 6.02
N GLN A 16 4.79 -19.55 6.41
CA GLN A 16 4.09 -20.46 7.32
C GLN A 16 3.72 -19.88 8.68
N SER A 17 4.69 -19.27 9.34
CA SER A 17 4.45 -18.63 10.62
C SER A 17 3.30 -17.61 10.53
N ILE A 18 3.28 -16.84 9.44
CA ILE A 18 2.23 -15.83 9.25
C ILE A 18 0.86 -16.47 9.00
N TRP A 19 0.81 -17.49 8.15
CA TRP A 19 -0.47 -18.13 7.85
C TRP A 19 -1.02 -18.89 9.05
N GLY A 20 -0.11 -19.37 9.90
CA GLY A 20 -0.48 -20.00 11.18
C GLY A 20 -1.16 -18.99 12.09
N ASP A 21 -0.63 -17.76 12.10
CA ASP A 21 -1.24 -16.68 12.87
C ASP A 21 -2.62 -16.31 12.31
N CYS A 22 -2.80 -16.48 11.00
CA CYS A 22 -4.10 -16.22 10.37
C CYS A 22 -5.10 -17.30 10.79
N ILE A 23 -4.66 -18.55 10.73
CA ILE A 23 -5.50 -19.68 11.17
C ILE A 23 -6.04 -19.52 12.59
N SER A 24 -5.18 -19.12 13.53
CA SER A 24 -5.60 -19.02 14.93
C SER A 24 -6.08 -17.62 15.36
N HIS A 25 -6.24 -16.73 14.39
CA HIS A 25 -6.81 -15.40 14.62
C HIS A 25 -8.28 -15.53 15.03
N PRO A 26 -8.73 -14.69 15.99
CA PRO A 26 -10.11 -14.77 16.49
C PRO A 26 -11.19 -14.71 15.41
N PHE A 27 -10.99 -13.88 14.39
CA PHE A 27 -11.93 -13.78 13.29
C PHE A 27 -12.09 -15.11 12.53
N VAL A 28 -10.95 -15.72 12.19
CA VAL A 28 -10.94 -16.96 11.40
C VAL A 28 -11.41 -18.16 12.25
N GLN A 29 -10.96 -18.23 13.49
CA GLN A 29 -11.43 -19.25 14.43
C GLN A 29 -12.93 -19.11 14.67
N GLY A 30 -13.41 -17.87 14.62
CA GLY A 30 -14.84 -17.59 14.73
C GLY A 30 -15.64 -18.23 13.62
N ILE A 31 -15.09 -18.22 12.41
CA ILE A 31 -15.73 -18.87 11.26
C ILE A 31 -15.76 -20.38 11.43
N GLY A 32 -14.61 -20.96 11.80
CA GLY A 32 -14.47 -22.40 12.03
C GLY A 32 -15.45 -22.99 13.02
N ARG A 33 -15.57 -22.37 14.19
CA ARG A 33 -16.51 -22.82 15.24
C ARG A 33 -17.95 -22.45 14.88
N GLY A 34 -18.14 -21.20 14.47
CA GLY A 34 -19.47 -20.68 14.11
C GLY A 34 -19.93 -19.54 15.04
N THR A 35 -18.96 -19.09 15.88
CA THR A 35 -19.26 -18.12 16.94
C THR A 35 -19.07 -16.66 16.55
N LEU A 36 -18.41 -16.42 15.42
CA LEU A 36 -18.11 -15.07 14.95
C LEU A 36 -19.39 -14.22 14.79
N GLU A 37 -19.40 -13.10 15.53
CA GLU A 37 -20.54 -12.18 15.58
C GLU A 37 -20.92 -11.76 14.15
N ARG A 38 -22.20 -11.90 13.83
CA ARG A 38 -22.69 -11.83 12.45
C ARG A 38 -22.49 -10.49 11.76
N ASP A 39 -22.51 -9.40 12.52
CA ASP A 39 -22.24 -8.07 11.94
C ASP A 39 -20.74 -7.83 11.68
N LYS A 40 -19.88 -8.54 12.40
CA LYS A 40 -18.45 -8.52 12.12
C LYS A 40 -18.15 -9.20 10.78
N PHE A 41 -18.89 -10.28 10.50
CA PHE A 41 -18.78 -10.96 9.22
C PHE A 41 -19.33 -10.10 8.08
N ARG A 42 -20.44 -9.40 8.34
CA ARG A 42 -21.03 -8.47 7.38
C ARG A 42 -20.03 -7.38 6.96
N PHE A 43 -19.41 -6.74 7.96
CA PHE A 43 -18.36 -5.74 7.74
C PHE A 43 -17.24 -6.30 6.84
N TYR A 44 -16.82 -7.53 7.15
CA TYR A 44 -15.81 -8.22 6.38
C TYR A 44 -16.20 -8.41 4.92
N ILE A 45 -17.42 -8.88 4.67
CA ILE A 45 -17.76 -9.24 3.29
C ILE A 45 -17.96 -7.99 2.40
N ILE A 46 -18.35 -6.88 3.02
CA ILE A 46 -18.35 -5.58 2.36
C ILE A 46 -16.91 -5.16 2.00
N GLN A 47 -16.01 -5.21 2.98
CA GLN A 47 -14.61 -4.88 2.75
C GLN A 47 -13.99 -5.80 1.70
N ASP A 48 -14.33 -7.08 1.76
CA ASP A 48 -13.80 -8.07 0.83
C ASP A 48 -14.33 -7.86 -0.59
N TYR A 49 -15.59 -7.44 -0.73
CA TYR A 49 -16.11 -7.06 -2.04
C TYR A 49 -15.28 -5.93 -2.68
N LEU A 50 -15.00 -4.89 -1.88
CA LEU A 50 -14.14 -3.78 -2.30
C LEU A 50 -12.75 -4.28 -2.64
N TYR A 51 -12.22 -5.14 -1.77
CA TYR A 51 -10.92 -5.75 -1.98
C TYR A 51 -10.85 -6.51 -3.30
N LEU A 52 -11.85 -7.35 -3.56
CA LEU A 52 -11.89 -8.17 -4.78
C LEU A 52 -11.91 -7.32 -6.05
N LEU A 53 -12.55 -6.16 -5.99
CA LEU A 53 -12.56 -5.23 -7.11
C LEU A 53 -11.15 -4.77 -7.49
N GLU A 54 -10.32 -4.48 -6.48
CA GLU A 54 -8.95 -4.07 -6.74
C GLU A 54 -8.08 -5.25 -7.13
N TYR A 55 -8.36 -6.41 -6.53
CA TYR A 55 -7.66 -7.67 -6.83
C TYR A 55 -7.82 -8.03 -8.31
N ALA A 56 -9.03 -7.91 -8.83
CA ALA A 56 -9.28 -8.11 -10.28
C ALA A 56 -8.35 -7.26 -11.16
N LYS A 57 -8.06 -6.03 -10.72
CA LYS A 57 -7.19 -5.15 -11.49
C LYS A 57 -5.76 -5.68 -11.61
N VAL A 58 -5.30 -6.36 -10.57
CA VAL A 58 -3.98 -6.97 -10.59
C VAL A 58 -3.96 -8.11 -11.61
N PHE A 59 -5.05 -8.90 -11.67
CA PHE A 59 -5.15 -9.95 -12.70
C PHE A 59 -5.19 -9.35 -14.11
N ALA A 60 -5.75 -8.15 -14.24
CA ALA A 60 -5.80 -7.45 -15.53
C ALA A 60 -4.41 -7.05 -15.97
N LEU A 61 -3.57 -6.65 -15.01
CA LEU A 61 -2.16 -6.44 -15.31
C LEU A 61 -1.53 -7.73 -15.83
N GLY A 62 -2.01 -8.86 -15.33
CA GLY A 62 -1.60 -10.18 -15.83
C GLY A 62 -1.87 -10.37 -17.32
N VAL A 63 -3.06 -9.97 -17.74
CA VAL A 63 -3.43 -10.02 -19.15
C VAL A 63 -2.49 -9.14 -19.98
N VAL A 64 -2.23 -7.92 -19.53
CA VAL A 64 -1.33 -7.07 -20.29
C VAL A 64 0.13 -7.55 -20.32
N LYS A 65 0.63 -8.09 -19.22
CA LYS A 65 2.04 -8.48 -19.18
C LYS A 65 2.33 -9.92 -19.56
N ALA A 66 1.28 -10.71 -19.79
CA ALA A 66 1.48 -12.09 -20.21
C ALA A 66 1.84 -12.13 -21.69
N CYS A 67 2.94 -12.78 -22.05
CA CYS A 67 3.12 -12.97 -23.48
C CYS A 67 2.99 -14.44 -23.86
N ASP A 68 1.73 -14.87 -23.91
CA ASP A 68 1.31 -16.23 -24.16
C ASP A 68 -0.21 -16.20 -24.07
N GLU A 69 -0.89 -16.60 -25.15
CA GLU A 69 -2.35 -16.53 -25.18
C GLU A 69 -2.97 -17.32 -24.02
N ALA A 70 -2.42 -18.51 -23.78
CA ALA A 70 -2.95 -19.40 -22.76
C ALA A 70 -2.97 -18.74 -21.40
N VAL A 71 -1.87 -18.07 -21.01
CA VAL A 71 -1.85 -17.42 -19.71
C VAL A 71 -2.69 -16.13 -19.68
N MET A 72 -2.80 -15.45 -20.82
CA MET A 72 -3.72 -14.29 -20.91
C MET A 72 -5.13 -14.77 -20.61
N ARG A 73 -5.50 -15.87 -21.28
CA ARG A 73 -6.80 -16.50 -21.12
C ARG A 73 -7.06 -16.85 -19.66
N GLU A 74 -6.03 -17.39 -18.99
CA GLU A 74 -6.14 -17.80 -17.59
C GLU A 74 -6.36 -16.59 -16.68
N PHE A 75 -5.61 -15.52 -16.91
CA PHE A 75 -5.84 -14.27 -16.16
C PHE A 75 -7.22 -13.67 -16.44
N SER A 76 -7.66 -13.70 -17.70
CA SER A 76 -8.98 -13.20 -18.07
C SER A 76 -10.07 -13.99 -17.36
N ASN A 77 -9.93 -15.32 -17.33
CA ASN A 77 -10.87 -16.17 -16.59
C ASN A 77 -10.96 -15.83 -15.10
N ALA A 78 -9.82 -15.51 -14.49
CA ALA A 78 -9.78 -15.14 -13.06
C ALA A 78 -10.56 -13.85 -12.79
N ILE A 79 -10.43 -12.86 -13.67
CA ILE A 79 -11.20 -11.62 -13.59
C ILE A 79 -12.71 -11.88 -13.64
N GLN A 80 -13.13 -12.77 -14.55
CA GLN A 80 -14.53 -13.14 -14.69
C GLN A 80 -15.11 -13.78 -13.44
N ASP A 81 -14.31 -14.62 -12.78
CA ASP A 81 -14.72 -15.26 -11.51
C ASP A 81 -14.98 -14.23 -10.40
N ILE A 82 -14.41 -13.05 -10.54
CA ILE A 82 -14.64 -11.96 -9.59
C ILE A 82 -15.83 -11.09 -10.02
N LEU A 83 -15.88 -10.73 -11.29
CA LEU A 83 -16.85 -9.75 -11.79
C LEU A 83 -18.18 -10.34 -12.30
N ASN A 84 -18.09 -11.44 -13.05
CA ASN A 84 -19.26 -12.10 -13.65
C ASN A 84 -19.55 -13.47 -13.07
N ASN A 85 -19.68 -13.54 -11.76
CA ASN A 85 -19.90 -14.81 -11.07
C ASN A 85 -20.95 -14.69 -9.97
N GLU A 86 -22.21 -14.94 -10.34
CA GLU A 86 -23.33 -14.89 -9.41
C GLU A 86 -23.35 -16.13 -8.50
N MET A 87 -22.48 -17.09 -8.83
CA MET A 87 -22.29 -18.31 -8.05
C MET A 87 -21.11 -18.18 -7.07
N SER A 88 -20.39 -17.06 -7.16
CA SER A 88 -19.23 -16.80 -6.30
C SER A 88 -19.62 -16.75 -4.83
N ILE A 89 -18.65 -17.01 -3.97
CA ILE A 89 -18.85 -17.06 -2.53
C ILE A 89 -19.36 -15.72 -1.99
N HIS A 90 -18.95 -14.63 -2.63
CA HIS A 90 -19.36 -13.29 -2.20
C HIS A 90 -20.80 -12.92 -2.48
N ASN A 91 -21.28 -13.30 -3.65
CA ASN A 91 -22.67 -13.03 -4.03
C ASN A 91 -23.66 -13.91 -3.28
N HIS A 92 -23.14 -14.98 -2.68
CA HIS A 92 -23.94 -15.83 -1.80
C HIS A 92 -24.23 -15.14 -0.49
N TYR A 93 -23.20 -14.56 0.14
CA TYR A 93 -23.37 -13.89 1.43
C TYR A 93 -24.00 -12.50 1.30
N ILE A 94 -23.85 -11.89 0.13
CA ILE A 94 -24.50 -10.61 -0.16
C ILE A 94 -26.03 -10.72 -0.05
N ARG A 95 -26.59 -11.79 -0.60
CA ARG A 95 -28.04 -12.01 -0.52
C ARG A 95 -28.47 -12.60 0.83
N GLU A 96 -27.57 -13.33 1.49
CA GLU A 96 -27.86 -13.93 2.80
C GLU A 96 -27.87 -12.88 3.90
N LEU A 97 -27.00 -11.86 3.78
CA LEU A 97 -26.99 -10.73 4.70
C LEU A 97 -27.81 -9.55 4.16
N GLN A 98 -28.62 -9.87 3.11
CA GLN A 98 -29.42 -8.86 2.39
C GLN A 98 -28.75 -7.49 2.25
N ILE A 99 -27.51 -7.50 1.74
CA ILE A 99 -26.74 -6.27 1.51
C ILE A 99 -27.17 -5.61 0.20
N THR A 100 -27.56 -4.34 0.29
CA THR A 100 -28.07 -3.61 -0.87
C THR A 100 -26.95 -3.19 -1.82
N GLN A 101 -27.32 -3.02 -3.10
CA GLN A 101 -26.37 -2.59 -4.12
C GLN A 101 -25.86 -1.17 -3.85
N LYS A 102 -26.72 -0.33 -3.28
CA LYS A 102 -26.36 1.04 -2.93
C LYS A 102 -25.35 1.08 -1.76
N GLU A 103 -25.52 0.16 -0.80
CA GLU A 103 -24.57 0.06 0.32
C GLU A 103 -23.17 -0.31 -0.16
N LEU A 104 -23.10 -1.21 -1.14
CA LEU A 104 -21.83 -1.59 -1.78
C LEU A 104 -21.18 -0.41 -2.49
N GLN A 105 -21.98 0.34 -3.24
CA GLN A 105 -21.52 1.54 -3.95
C GLN A 105 -21.04 2.64 -3.01
N ASN A 106 -21.68 2.75 -1.84
CA ASN A 106 -21.35 3.79 -0.86
C ASN A 106 -20.22 3.45 0.11
N ALA A 107 -19.82 2.19 0.17
CA ALA A 107 -18.82 1.72 1.14
C ALA A 107 -17.41 2.21 0.84
N CYS A 108 -16.68 2.55 1.90
CA CYS A 108 -15.28 2.95 1.81
C CYS A 108 -14.37 1.82 2.25
N PRO A 109 -13.27 1.60 1.52
CA PRO A 109 -12.26 0.66 2.01
C PRO A 109 -11.49 1.26 3.18
N THR A 110 -11.14 0.42 4.14
CA THR A 110 -10.27 0.83 5.24
C THR A 110 -8.85 0.98 4.73
N LEU A 111 -8.01 1.71 5.48
CA LEU A 111 -6.59 1.83 5.16
C LEU A 111 -5.92 0.48 4.90
N ALA A 112 -6.17 -0.47 5.79
CA ALA A 112 -5.57 -1.81 5.69
C ALA A 112 -5.93 -2.46 4.35
N ASN A 113 -7.17 -2.25 3.91
CA ASN A 113 -7.66 -2.71 2.60
C ASN A 113 -6.94 -2.01 1.44
N LYS A 114 -6.94 -0.68 1.45
CA LYS A 114 -6.28 0.17 0.44
C LYS A 114 -4.78 -0.12 0.29
N SER A 115 -4.12 -0.31 1.42
CA SER A 115 -2.67 -0.49 1.49
C SER A 115 -2.28 -1.77 0.78
N TYR A 116 -3.06 -2.82 1.04
CA TYR A 116 -2.81 -4.14 0.49
C TYR A 116 -3.01 -4.13 -1.03
N THR A 117 -4.15 -3.62 -1.47
CA THR A 117 -4.44 -3.61 -2.89
C THR A 117 -3.50 -2.68 -3.66
N SER A 118 -3.11 -1.57 -3.04
CA SER A 118 -2.12 -0.65 -3.64
C SER A 118 -0.78 -1.34 -3.85
N TYR A 119 -0.37 -2.12 -2.85
CA TYR A 119 0.91 -2.80 -2.89
C TYR A 119 0.99 -3.81 -4.02
N MET A 120 -0.05 -4.62 -4.19
CA MET A 120 -0.10 -5.61 -5.27
C MET A 120 -0.08 -4.92 -6.64
N LEU A 121 -0.87 -3.86 -6.77
CA LEU A 121 -0.93 -3.09 -8.01
C LEU A 121 0.43 -2.47 -8.37
N ALA A 122 1.01 -1.75 -7.40
CA ALA A 122 2.28 -1.05 -7.61
C ALA A 122 3.42 -2.02 -7.94
N GLU A 123 3.47 -3.16 -7.25
CA GLU A 123 4.52 -4.14 -7.56
C GLU A 123 4.30 -4.79 -8.91
N GLY A 124 3.04 -5.06 -9.25
CA GLY A 124 2.68 -5.54 -10.58
C GLY A 124 3.18 -4.59 -11.65
N PHE A 125 2.90 -3.30 -11.45
CA PHE A 125 3.23 -2.26 -12.42
C PHE A 125 4.73 -1.97 -12.53
N LYS A 126 5.45 -2.02 -11.41
CA LYS A 126 6.91 -1.85 -11.43
C LYS A 126 7.67 -3.07 -11.96
N GLY A 127 7.05 -4.24 -11.92
CA GLY A 127 7.72 -5.47 -12.33
C GLY A 127 7.22 -6.02 -13.66
N SER A 128 7.38 -7.33 -13.83
CA SER A 128 6.94 -8.03 -15.00
C SER A 128 5.83 -8.99 -14.59
N ILE A 129 5.52 -9.95 -15.45
CA ILE A 129 4.53 -10.94 -15.10
C ILE A 129 4.92 -11.80 -13.89
N LYS A 130 6.23 -11.95 -13.60
CA LYS A 130 6.67 -12.73 -12.42
C LYS A 130 6.16 -12.08 -11.13
N GLU A 131 6.32 -10.77 -11.04
CA GLU A 131 5.88 -10.00 -9.90
C GLU A 131 4.35 -10.03 -9.76
N VAL A 132 3.61 -9.94 -10.87
CA VAL A 132 2.15 -10.10 -10.75
C VAL A 132 1.74 -11.50 -10.29
N ALA A 133 2.40 -12.52 -10.82
CA ALA A 133 2.13 -13.90 -10.39
C ALA A 133 2.44 -14.08 -8.89
N ALA A 134 3.52 -13.47 -8.40
CA ALA A 134 3.89 -13.55 -6.99
C ALA A 134 2.98 -12.71 -6.09
N ALA A 135 2.53 -11.56 -6.59
CA ALA A 135 1.69 -10.65 -5.79
C ALA A 135 0.29 -11.17 -5.48
N VAL A 136 -0.27 -12.03 -6.33
CA VAL A 136 -1.64 -12.51 -6.13
C VAL A 136 -1.72 -13.85 -5.43
N LEU A 137 -0.56 -14.49 -5.22
CA LEU A 137 -0.53 -15.86 -4.73
C LEU A 137 -0.91 -16.04 -3.25
N SER A 138 -0.41 -15.19 -2.35
CA SER A 138 -0.71 -15.31 -0.90
C SER A 138 -2.19 -15.43 -0.62
N CYS A 139 -2.95 -14.55 -1.28
CA CYS A 139 -4.38 -14.43 -1.03
C CYS A 139 -5.10 -15.77 -1.21
N GLY A 140 -5.00 -16.35 -2.41
CA GLY A 140 -5.62 -17.63 -2.68
C GLY A 140 -5.04 -18.79 -1.88
N TRP A 141 -3.71 -18.82 -1.76
CA TRP A 141 -3.04 -19.93 -1.11
C TRP A 141 -3.36 -19.98 0.39
N SER A 142 -3.26 -18.84 1.07
CA SER A 142 -3.62 -18.75 2.49
C SER A 142 -5.09 -19.07 2.74
N TYR A 143 -5.98 -18.62 1.85
CA TYR A 143 -7.41 -18.92 2.01
C TYR A 143 -7.64 -20.42 1.88
N LEU A 144 -6.85 -21.07 1.04
CA LEU A 144 -6.97 -22.51 0.86
C LEU A 144 -6.56 -23.27 2.12
N VAL A 145 -5.37 -22.97 2.66
CA VAL A 145 -4.93 -23.69 3.87
C VAL A 145 -5.78 -23.32 5.08
N ILE A 146 -6.25 -22.08 5.15
CA ILE A 146 -7.21 -21.68 6.20
C ILE A 146 -8.46 -22.56 6.12
N ALA A 147 -9.04 -22.67 4.92
CA ALA A 147 -10.29 -23.43 4.74
C ALA A 147 -10.11 -24.93 4.95
N GLN A 148 -8.97 -25.47 4.52
CA GLN A 148 -8.66 -26.88 4.73
C GLN A 148 -8.49 -27.18 6.22
N ASN A 149 -7.87 -26.25 6.94
CA ASN A 149 -7.76 -26.38 8.39
C ASN A 149 -9.15 -26.32 9.04
N LEU A 150 -9.89 -25.24 8.78
CA LEU A 150 -11.23 -25.08 9.32
C LEU A 150 -12.18 -26.24 8.96
N SER A 151 -11.84 -26.94 7.88
CA SER A 151 -12.64 -28.05 7.34
C SER A 151 -12.75 -29.27 8.28
N GLN A 152 -12.28 -29.11 9.51
CA GLN A 152 -12.33 -30.19 10.52
C GLN A 152 -12.27 -29.66 11.95
N ILE A 153 -13.45 -29.41 12.55
CA ILE A 153 -13.48 -28.81 13.89
C ILE A 153 -14.14 -29.70 14.98
N PRO A 154 -15.18 -30.48 14.63
CA PRO A 154 -15.90 -30.59 13.38
C PRO A 154 -17.17 -29.71 13.37
N ASN A 155 -18.17 -30.12 12.57
CA ASN A 155 -19.43 -29.39 12.37
C ASN A 155 -19.24 -28.07 11.62
N ALA A 156 -18.00 -27.75 11.26
CA ALA A 156 -17.65 -26.49 10.60
C ALA A 156 -18.25 -26.38 9.20
N LEU A 157 -18.23 -27.50 8.46
CA LEU A 157 -18.77 -27.57 7.11
C LEU A 157 -20.29 -27.63 7.12
N GLU A 158 -20.85 -28.21 8.18
CA GLU A 158 -22.29 -28.45 8.30
C GLU A 158 -23.04 -27.23 8.84
N HIS A 159 -22.30 -26.25 9.35
CA HIS A 159 -22.86 -25.02 9.89
C HIS A 159 -23.78 -24.37 8.86
N ALA A 160 -25.00 -24.05 9.29
CA ALA A 160 -26.04 -23.53 8.38
C ALA A 160 -25.68 -22.21 7.72
N PHE A 161 -24.88 -21.41 8.41
CA PHE A 161 -24.48 -20.08 7.92
C PHE A 161 -23.05 -20.07 7.36
N TYR A 162 -22.07 -20.45 8.19
CA TYR A 162 -20.65 -20.35 7.84
C TYR A 162 -20.11 -21.52 7.03
N GLY A 163 -20.90 -22.58 6.90
CA GLY A 163 -20.51 -23.76 6.13
C GLY A 163 -20.15 -23.46 4.67
N HIS A 164 -20.96 -22.63 4.03
CA HIS A 164 -20.78 -22.27 2.62
C HIS A 164 -19.40 -21.68 2.33
N TRP A 165 -18.91 -20.85 3.26
CA TRP A 165 -17.61 -20.18 3.12
C TRP A 165 -16.43 -21.15 3.18
N ILE A 166 -16.48 -22.08 4.14
CA ILE A 166 -15.42 -23.06 4.32
C ILE A 166 -15.40 -24.06 3.16
N LYS A 167 -16.58 -24.48 2.72
CA LYS A 167 -16.73 -25.38 1.58
C LYS A 167 -16.22 -24.72 0.30
N GLY A 168 -16.52 -23.43 0.13
CA GLY A 168 -16.15 -22.69 -1.06
C GLY A 168 -14.66 -22.55 -1.26
N TYR A 169 -13.94 -22.23 -0.19
CA TYR A 169 -12.51 -22.01 -0.32
C TYR A 169 -11.68 -23.29 -0.17
N SER A 170 -12.36 -24.42 -0.02
CA SER A 170 -11.68 -25.72 0.06
C SER A 170 -12.08 -26.66 -1.08
N SER A 171 -12.96 -26.18 -1.96
CA SER A 171 -13.46 -26.98 -3.09
C SER A 171 -12.37 -27.33 -4.09
N LYS A 172 -12.61 -28.39 -4.86
CA LYS A 172 -11.72 -28.85 -5.92
C LYS A 172 -11.42 -27.75 -6.94
N GLU A 173 -12.44 -26.94 -7.23
CA GLU A 173 -12.30 -25.82 -8.18
C GLU A 173 -11.38 -24.69 -7.69
N PHE A 174 -11.48 -24.34 -6.41
CA PHE A 174 -10.59 -23.32 -5.84
C PHE A 174 -9.17 -23.84 -5.73
N GLN A 175 -9.03 -25.12 -5.41
CA GLN A 175 -7.74 -25.81 -5.40
C GLN A 175 -7.06 -25.69 -6.77
N ALA A 176 -7.84 -25.89 -7.84
CA ALA A 176 -7.35 -25.81 -9.20
C ALA A 176 -6.87 -24.41 -9.57
N CYS A 177 -7.50 -23.39 -9.00
CA CYS A 177 -7.07 -22.00 -9.19
C CYS A 177 -5.74 -21.73 -8.51
N VAL A 178 -5.63 -22.10 -7.23
CA VAL A 178 -4.38 -21.96 -6.50
C VAL A 178 -3.25 -22.73 -7.20
N ASN A 179 -3.52 -23.98 -7.60
CA ASN A 179 -2.53 -24.80 -8.33
C ASN A 179 -2.05 -24.12 -9.61
N TRP A 180 -2.98 -23.54 -10.36
CA TRP A 180 -2.61 -22.76 -11.55
C TRP A 180 -1.63 -21.64 -11.20
N ASN A 181 -1.96 -20.84 -10.19
CA ASN A 181 -1.11 -19.72 -9.76
C ASN A 181 0.28 -20.21 -9.32
N ILE A 182 0.32 -21.30 -8.57
CA ILE A 182 1.59 -21.90 -8.13
C ILE A 182 2.41 -22.38 -9.33
N ASN A 183 1.77 -23.15 -10.22
CA ASN A 183 2.45 -23.61 -11.43
C ASN A 183 2.95 -22.49 -12.31
N LEU A 184 2.16 -21.42 -12.44
CA LEU A 184 2.56 -20.27 -13.24
C LEU A 184 3.83 -19.66 -12.68
N LEU A 185 3.84 -19.38 -11.38
CA LEU A 185 5.03 -18.80 -10.74
C LEU A 185 6.26 -19.70 -10.91
N ASP A 186 6.09 -21.00 -10.74
CA ASP A 186 7.21 -21.93 -10.88
C ASP A 186 7.74 -21.94 -12.30
N SER A 187 6.85 -21.89 -13.30
CA SER A 187 7.29 -21.94 -14.69
C SER A 187 7.92 -20.62 -15.18
N LEU A 188 7.56 -19.51 -14.55
CA LEU A 188 8.13 -18.20 -14.91
C LEU A 188 9.50 -17.97 -14.28
N THR A 189 9.87 -18.77 -13.30
CA THR A 189 11.06 -18.44 -12.51
C THR A 189 12.21 -19.44 -12.66
N LEU A 190 12.09 -20.34 -13.62
CA LEU A 190 13.10 -21.38 -13.83
C LEU A 190 14.53 -20.84 -13.98
N ALA A 191 14.66 -19.66 -14.55
CA ALA A 191 15.98 -19.08 -14.82
C ALA A 191 16.31 -17.89 -13.93
N SER A 192 15.41 -17.58 -13.00
CA SER A 192 15.59 -16.44 -12.10
C SER A 192 16.87 -16.53 -11.26
N SER A 193 17.55 -15.40 -11.12
CA SER A 193 18.71 -15.29 -10.25
C SER A 193 18.29 -15.32 -8.78
N LYS A 194 19.29 -15.40 -7.90
CA LYS A 194 19.08 -15.41 -6.45
C LYS A 194 18.43 -14.09 -5.99
N GLN A 195 18.90 -12.98 -6.56
CA GLN A 195 18.37 -11.67 -6.25
C GLN A 195 16.90 -11.51 -6.65
N GLU A 196 16.54 -11.98 -7.85
CA GLU A 196 15.14 -11.99 -8.29
C GLU A 196 14.27 -12.81 -7.33
N ILE A 197 14.73 -14.00 -6.97
CA ILE A 197 13.99 -14.86 -6.04
C ILE A 197 13.71 -14.12 -4.73
N GLU A 198 14.73 -13.47 -4.17
CA GLU A 198 14.56 -12.69 -2.94
C GLU A 198 13.53 -11.57 -3.09
N LYS A 199 13.52 -10.92 -4.25
CA LYS A 199 12.50 -9.93 -4.54
C LYS A 199 11.09 -10.54 -4.48
N LEU A 200 10.91 -11.70 -5.08
CA LEU A 200 9.59 -12.34 -5.10
C LEU A 200 9.16 -12.83 -3.72
N LYS A 201 10.12 -13.35 -2.96
CA LYS A 201 9.89 -13.75 -1.59
C LYS A 201 9.38 -12.55 -0.76
N GLU A 202 10.05 -11.41 -0.91
CA GLU A 202 9.69 -10.19 -0.19
C GLU A 202 8.25 -9.74 -0.50
N ILE A 203 7.84 -9.88 -1.76
CA ILE A 203 6.47 -9.57 -2.17
C ILE A 203 5.48 -10.51 -1.48
N PHE A 204 5.79 -11.79 -1.53
CA PHE A 204 4.96 -12.86 -1.01
C PHE A 204 4.76 -12.75 0.51
N ILE A 205 5.84 -12.41 1.20
CA ILE A 205 5.80 -12.20 2.64
C ILE A 205 5.01 -10.93 2.99
N THR A 206 5.25 -9.86 2.24
CA THR A 206 4.55 -8.60 2.46
C THR A 206 3.04 -8.78 2.32
N THR A 207 2.60 -9.44 1.24
CA THR A 207 1.17 -9.68 1.05
C THR A 207 0.60 -10.58 2.13
N SER A 208 1.39 -11.56 2.58
CA SER A 208 1.01 -12.36 3.75
C SER A 208 0.80 -11.50 5.01
N GLU A 209 1.72 -10.57 5.27
CA GLU A 209 1.54 -9.61 6.37
C GLU A 209 0.23 -8.82 6.23
N TYR A 210 -0.07 -8.37 5.01
CA TYR A 210 -1.32 -7.66 4.74
C TYR A 210 -2.56 -8.51 5.00
N GLU A 211 -2.49 -9.80 4.67
CA GLU A 211 -3.61 -10.70 4.94
C GLU A 211 -3.90 -10.77 6.45
N TYR A 212 -2.86 -10.89 7.26
CA TYR A 212 -3.05 -10.93 8.70
C TYR A 212 -3.72 -9.65 9.17
N LEU A 213 -3.23 -8.52 8.68
CA LEU A 213 -3.79 -7.23 9.07
C LEU A 213 -5.23 -7.02 8.55
N PHE A 214 -5.56 -7.70 7.47
CA PHE A 214 -6.92 -7.65 6.92
C PHE A 214 -7.91 -8.34 7.84
N TRP A 215 -7.54 -9.50 8.36
CA TRP A 215 -8.38 -10.24 9.30
C TRP A 215 -8.54 -9.43 10.57
N ASP A 216 -7.44 -8.84 11.02
CA ASP A 216 -7.42 -7.99 12.19
C ASP A 216 -8.47 -6.89 12.08
N MET A 217 -8.38 -6.10 11.01
CA MET A 217 -9.30 -4.97 10.81
C MET A 217 -10.75 -5.41 10.60
N ALA A 218 -10.95 -6.60 10.05
CA ALA A 218 -12.28 -7.18 9.94
C ALA A 218 -12.86 -7.54 11.32
N TYR A 219 -12.00 -8.01 12.23
CA TYR A 219 -12.41 -8.29 13.60
C TYR A 219 -12.63 -7.00 14.39
N GLN A 220 -11.70 -6.06 14.27
CA GLN A 220 -11.78 -4.76 14.95
C GLN A 220 -12.85 -3.85 14.35
N SER A 221 -13.81 -4.46 13.64
CA SER A 221 -14.73 -3.79 12.71
C SER A 221 -15.35 -2.46 13.16
N THR B 4 -14.99 31.37 -5.44
CA THR B 4 -15.11 30.22 -4.50
C THR B 4 -13.78 29.94 -3.76
N MET B 5 -12.91 29.14 -4.38
CA MET B 5 -11.75 28.57 -3.71
C MET B 5 -10.96 27.67 -4.67
N GLN B 6 -9.64 27.84 -4.68
CA GLN B 6 -8.72 26.94 -5.43
C GLN B 6 -8.88 25.52 -4.89
N VAL B 7 -8.66 24.51 -5.75
CA VAL B 7 -8.74 23.13 -5.28
C VAL B 7 -7.61 22.79 -4.31
N SER B 8 -6.44 23.41 -4.47
CA SER B 8 -5.34 23.21 -3.54
C SER B 8 -5.75 23.62 -2.13
N GLN B 9 -6.42 24.77 -2.03
CA GLN B 9 -6.89 25.28 -0.75
C GLN B 9 -7.97 24.37 -0.17
N TYR B 10 -8.84 23.87 -1.05
CA TYR B 10 -9.89 22.94 -0.65
C TYR B 10 -9.34 21.65 -0.05
N LEU B 11 -8.25 21.12 -0.63
CA LEU B 11 -7.60 19.92 -0.08
C LEU B 11 -6.88 20.25 1.23
N TYR B 12 -6.20 21.40 1.25
CA TYR B 12 -5.53 21.89 2.45
C TYR B 12 -6.50 21.93 3.64
N GLN B 13 -7.66 22.54 3.41
CA GLN B 13 -8.68 22.73 4.42
C GLN B 13 -9.10 21.38 4.99
N ASN B 14 -9.25 20.40 4.11
CA ASN B 14 -9.72 19.08 4.53
C ASN B 14 -8.67 18.22 5.22
N ALA B 15 -7.41 18.64 5.18
CA ALA B 15 -6.34 17.89 5.83
C ALA B 15 -5.71 18.59 7.04
N GLN B 16 -6.07 19.86 7.27
CA GLN B 16 -5.42 20.65 8.32
C GLN B 16 -5.45 19.98 9.69
N SER B 17 -6.54 19.26 9.94
CA SER B 17 -6.75 18.54 11.19
C SER B 17 -5.72 17.43 11.37
N ILE B 18 -5.45 16.68 10.31
CA ILE B 18 -4.45 15.62 10.35
C ILE B 18 -3.04 16.20 10.50
N TRP B 19 -2.78 17.30 9.78
CA TRP B 19 -1.47 17.95 9.86
C TRP B 19 -1.23 18.52 11.26
N GLY B 20 -2.31 18.98 11.90
CA GLY B 20 -2.27 19.41 13.28
C GLY B 20 -1.80 18.29 14.20
N ASP B 21 -2.40 17.11 14.05
CA ASP B 21 -1.93 15.92 14.77
C ASP B 21 -0.46 15.57 14.48
N CYS B 22 -0.01 15.80 13.23
CA CYS B 22 1.40 15.58 12.87
C CYS B 22 2.33 16.54 13.61
N ILE B 23 2.00 17.83 13.57
CA ILE B 23 2.79 18.87 14.24
C ILE B 23 2.94 18.57 15.74
N SER B 24 1.86 18.13 16.38
CA SER B 24 1.91 17.89 17.81
C SER B 24 2.33 16.46 18.20
N HIS B 25 2.77 15.67 17.23
CA HIS B 25 3.25 14.31 17.48
C HIS B 25 4.56 14.34 18.26
N PRO B 26 4.73 13.41 19.24
CA PRO B 26 5.95 13.32 20.04
C PRO B 26 7.25 13.33 19.25
N PHE B 27 7.29 12.59 18.13
CA PHE B 27 8.46 12.58 17.26
C PHE B 27 8.73 13.98 16.72
N VAL B 28 7.68 14.65 16.28
CA VAL B 28 7.82 15.93 15.59
C VAL B 28 8.12 17.06 16.56
N GLN B 29 7.36 17.14 17.65
CA GLN B 29 7.70 18.06 18.74
C GLN B 29 9.07 17.71 19.32
N GLY B 30 9.43 16.42 19.28
CA GLY B 30 10.76 15.97 19.68
C GLY B 30 11.90 16.65 18.92
N ILE B 31 11.68 16.89 17.62
CA ILE B 31 12.64 17.59 16.78
C ILE B 31 12.71 19.06 17.18
N GLY B 32 11.54 19.67 17.33
CA GLY B 32 11.43 21.09 17.64
C GLY B 32 11.94 21.49 19.02
N ARG B 33 11.92 20.58 19.99
CA ARG B 33 12.47 20.91 21.29
C ARG B 33 13.62 20.02 21.76
N GLY B 34 14.24 19.32 20.81
CA GLY B 34 15.48 18.59 21.05
C GLY B 34 15.39 17.42 22.01
N THR B 35 14.18 16.96 22.28
CA THR B 35 13.98 15.82 23.18
C THR B 35 14.06 14.47 22.48
N LEU B 36 13.84 14.43 21.17
CA LEU B 36 13.82 13.17 20.47
C LEU B 36 15.19 12.48 20.56
N GLU B 37 15.16 11.20 20.93
CA GLU B 37 16.40 10.43 21.06
C GLU B 37 17.01 10.16 19.70
N ARG B 38 18.32 10.33 19.65
CA ARG B 38 19.12 10.16 18.45
C ARG B 38 18.85 8.83 17.75
N ASP B 39 18.63 7.78 18.51
CA ASP B 39 18.37 6.44 17.98
C ASP B 39 17.03 6.36 17.20
N LYS B 40 16.02 7.12 17.62
CA LYS B 40 14.75 7.16 16.89
C LYS B 40 14.86 7.97 15.60
N PHE B 41 15.64 9.06 15.64
CA PHE B 41 15.85 9.87 14.46
C PHE B 41 16.67 9.12 13.41
N ARG B 42 17.69 8.39 13.87
CA ARG B 42 18.49 7.51 13.01
C ARG B 42 17.62 6.52 12.24
N PHE B 43 16.76 5.81 12.96
CA PHE B 43 15.81 4.89 12.36
C PHE B 43 14.91 5.61 11.32
N TYR B 44 14.43 6.80 11.67
CA TYR B 44 13.60 7.62 10.78
C TYR B 44 14.34 7.92 9.48
N ILE B 45 15.61 8.28 9.61
CA ILE B 45 16.41 8.71 8.48
C ILE B 45 16.68 7.61 7.44
N ILE B 46 16.93 6.40 7.92
CA ILE B 46 17.05 5.23 7.08
C ILE B 46 15.72 4.95 6.35
N GLN B 47 14.61 5.01 7.09
CA GLN B 47 13.29 4.78 6.50
C GLN B 47 12.93 5.84 5.44
N ASP B 48 13.27 7.10 5.73
CA ASP B 48 12.88 8.20 4.88
C ASP B 48 13.68 8.16 3.59
N TYR B 49 14.93 7.72 3.71
CA TYR B 49 15.77 7.45 2.56
C TYR B 49 15.13 6.43 1.61
N LEU B 50 14.70 5.30 2.16
CA LEU B 50 13.99 4.26 1.42
C LEU B 50 12.70 4.82 0.83
N TYR B 51 12.03 5.63 1.64
CA TYR B 51 10.80 6.29 1.24
C TYR B 51 11.01 7.16 -0.01
N LEU B 52 12.08 7.96 0.01
CA LEU B 52 12.39 8.93 -1.03
C LEU B 52 12.73 8.29 -2.38
N LEU B 53 13.34 7.10 -2.34
CA LEU B 53 13.62 6.32 -3.51
C LEU B 53 12.34 5.91 -4.25
N GLU B 54 11.29 5.57 -3.50
CA GLU B 54 10.02 5.17 -4.10
C GLU B 54 9.21 6.39 -4.53
N TYR B 55 9.34 7.46 -3.75
CA TYR B 55 8.70 8.74 -4.01
C TYR B 55 9.20 9.34 -5.33
N ALA B 56 10.50 9.24 -5.57
CA ALA B 56 11.09 9.69 -6.85
C ALA B 56 10.43 9.01 -8.06
N LYS B 57 10.06 7.75 -7.91
CA LYS B 57 9.35 6.99 -8.94
C LYS B 57 7.98 7.55 -9.31
N VAL B 58 7.30 8.13 -8.33
CA VAL B 58 5.99 8.74 -8.61
C VAL B 58 6.22 9.97 -9.48
N PHE B 59 7.35 10.65 -9.27
CA PHE B 59 7.70 11.78 -10.12
C PHE B 59 8.10 11.35 -11.53
N ALA B 60 8.78 10.20 -11.67
CA ALA B 60 9.08 9.66 -13.00
C ALA B 60 7.78 9.33 -13.71
N LEU B 61 6.81 8.83 -12.96
CA LEU B 61 5.48 8.61 -13.48
C LEU B 61 4.88 9.91 -14.02
N GLY B 62 5.19 11.04 -13.37
CA GLY B 62 4.78 12.36 -13.82
C GLY B 62 5.43 12.71 -15.16
N VAL B 63 6.69 12.32 -15.32
CA VAL B 63 7.36 12.49 -16.63
C VAL B 63 6.62 11.71 -17.70
N VAL B 64 6.26 10.45 -17.46
CA VAL B 64 5.62 9.70 -18.53
C VAL B 64 4.20 10.19 -18.87
N LYS B 65 3.51 10.81 -17.91
CA LYS B 65 2.11 11.15 -18.08
C LYS B 65 1.90 12.62 -18.42
N ALA B 66 2.95 13.41 -18.31
CA ALA B 66 2.83 14.83 -18.56
C ALA B 66 2.67 14.99 -20.06
N CYS B 67 1.56 15.51 -20.53
CA CYS B 67 1.61 15.81 -21.95
C CYS B 67 1.71 17.30 -22.23
N ASP B 68 2.94 17.77 -21.99
CA ASP B 68 3.38 19.15 -22.06
C ASP B 68 4.85 19.11 -21.62
N GLU B 69 5.73 19.64 -22.47
CA GLU B 69 7.19 19.65 -22.24
C GLU B 69 7.62 20.40 -20.97
N ALA B 70 6.95 21.51 -20.67
CA ALA B 70 7.27 22.28 -19.47
C ALA B 70 7.08 21.45 -18.19
N VAL B 71 5.99 20.72 -18.06
CA VAL B 71 5.79 19.98 -16.82
C VAL B 71 6.60 18.69 -16.75
N MET B 72 6.83 18.05 -17.91
CA MET B 72 7.81 16.96 -18.02
C MET B 72 9.13 17.36 -17.36
N ARG B 73 9.62 18.53 -17.77
CA ARG B 73 10.89 19.09 -17.31
C ARG B 73 10.84 19.39 -15.80
N GLU B 74 9.71 19.90 -15.33
CA GLU B 74 9.54 20.18 -13.92
C GLU B 74 9.58 18.89 -13.10
N PHE B 75 8.89 17.84 -13.56
CA PHE B 75 8.93 16.54 -12.91
C PHE B 75 10.32 15.91 -12.93
N SER B 76 11.01 16.03 -14.07
CA SER B 76 12.37 15.53 -14.20
C SER B 76 13.33 16.22 -13.22
N ASN B 77 13.23 17.54 -13.11
CA ASN B 77 14.01 18.29 -12.13
C ASN B 77 13.67 17.91 -10.69
N ALA B 78 12.42 17.52 -10.45
CA ALA B 78 12.04 17.11 -9.10
C ALA B 78 12.67 15.76 -8.74
N ILE B 79 12.79 14.86 -9.70
CA ILE B 79 13.52 13.60 -9.50
C ILE B 79 14.96 13.88 -9.09
N GLN B 80 15.64 14.76 -9.84
CA GLN B 80 17.03 15.12 -9.55
C GLN B 80 17.20 15.74 -8.17
N ASP B 81 16.27 16.64 -7.82
CA ASP B 81 16.30 17.33 -6.53
C ASP B 81 16.13 16.33 -5.39
N ILE B 82 15.20 15.38 -5.55
CA ILE B 82 15.00 14.32 -4.56
C ILE B 82 16.26 13.47 -4.41
N LEU B 83 16.82 13.01 -5.53
CA LEU B 83 18.01 12.18 -5.50
C LEU B 83 19.25 12.98 -5.04
N ASN B 84 19.69 13.94 -5.86
CA ASN B 84 20.83 14.79 -5.53
C ASN B 84 20.42 15.93 -4.57
N MET B 87 23.72 17.78 -1.87
CA MET B 87 23.71 18.48 -0.59
C MET B 87 22.36 18.27 0.11
N SER B 88 21.90 17.01 0.09
CA SER B 88 20.61 16.62 0.61
C SER B 88 20.62 16.54 2.14
N ILE B 89 19.45 16.74 2.75
CA ILE B 89 19.29 16.67 4.21
C ILE B 89 19.72 15.31 4.76
N HIS B 90 19.31 14.25 4.08
CA HIS B 90 19.64 12.88 4.51
C HIS B 90 21.12 12.59 4.50
N ASN B 91 21.83 13.11 3.50
CA ASN B 91 23.28 12.95 3.45
C ASN B 91 23.95 13.54 4.68
N HIS B 92 23.58 14.77 5.03
CA HIS B 92 24.08 15.44 6.22
C HIS B 92 23.98 14.52 7.43
N TYR B 93 22.80 13.94 7.61
CA TYR B 93 22.55 13.05 8.74
C TYR B 93 23.14 11.65 8.58
N ILE B 94 23.35 11.21 7.33
CA ILE B 94 24.14 10.01 7.06
C ILE B 94 25.55 10.21 7.62
N ARG B 95 26.12 11.37 7.35
CA ARG B 95 27.47 11.73 7.80
C ARG B 95 27.54 11.99 9.30
N GLU B 96 26.54 12.71 9.82
CA GLU B 96 26.49 13.10 11.23
C GLU B 96 26.30 11.90 12.16
N LEU B 97 25.32 11.06 11.83
CA LEU B 97 25.23 9.74 12.42
C LEU B 97 26.22 8.88 11.66
N GLN B 98 26.38 7.62 12.01
CA GLN B 98 27.37 6.84 11.29
C GLN B 98 26.75 5.69 10.50
N ILE B 99 25.84 6.07 9.62
CA ILE B 99 25.12 5.18 8.73
C ILE B 99 25.99 4.89 7.52
N THR B 100 26.29 3.61 7.29
CA THR B 100 27.14 3.19 6.17
C THR B 100 26.31 2.93 4.92
N GLN B 101 26.98 2.93 3.77
CA GLN B 101 26.34 2.64 2.49
C GLN B 101 25.72 1.24 2.50
N LYS B 102 26.40 0.30 3.17
CA LYS B 102 25.93 -1.07 3.32
C LYS B 102 24.67 -1.16 4.17
N GLU B 103 24.63 -0.40 5.26
CA GLU B 103 23.46 -0.37 6.14
C GLU B 103 22.20 0.12 5.41
N LEU B 104 22.37 1.08 4.50
CA LEU B 104 21.29 1.59 3.66
C LEU B 104 20.79 0.57 2.63
N GLN B 105 21.72 -0.14 2.00
CA GLN B 105 21.39 -1.13 0.98
C GLN B 105 20.68 -2.36 1.57
N ASN B 106 21.04 -2.71 2.80
CA ASN B 106 20.45 -3.86 3.47
C ASN B 106 19.13 -3.58 4.21
N ALA B 107 18.81 -2.29 4.38
CA ALA B 107 17.65 -1.86 5.15
C ALA B 107 16.33 -2.23 4.48
N CYS B 108 15.35 -2.61 5.29
CA CYS B 108 14.01 -2.94 4.82
C CYS B 108 13.03 -1.84 5.18
N PRO B 109 12.19 -1.42 4.22
CA PRO B 109 11.14 -0.47 4.57
C PRO B 109 10.09 -1.15 5.45
N THR B 110 9.51 -0.42 6.39
CA THR B 110 8.43 -0.96 7.20
C THR B 110 7.14 -1.02 6.40
N LEU B 111 6.17 -1.80 6.88
CA LEU B 111 4.84 -1.87 6.27
C LEU B 111 4.21 -0.50 5.99
N ALA B 112 4.29 0.39 6.98
CA ALA B 112 3.75 1.73 6.89
C ALA B 112 4.42 2.52 5.77
N ASN B 113 5.74 2.33 5.64
CA ASN B 113 6.51 2.94 4.56
C ASN B 113 6.03 2.42 3.18
N LYS B 114 6.01 1.09 3.00
CA LYS B 114 5.63 0.45 1.73
C LYS B 114 4.20 0.77 1.29
N SER B 115 3.30 0.82 2.26
CA SER B 115 1.89 1.11 2.01
C SER B 115 1.75 2.50 1.42
N TYR B 116 2.44 3.46 2.02
CA TYR B 116 2.34 4.86 1.61
C TYR B 116 2.84 5.04 0.18
N THR B 117 4.07 4.61 -0.11
CA THR B 117 4.61 4.73 -1.45
C THR B 117 3.84 3.88 -2.46
N SER B 118 3.39 2.70 -2.07
CA SER B 118 2.57 1.86 -2.96
C SER B 118 1.30 2.56 -3.39
N TYR B 119 0.69 3.26 -2.42
CA TYR B 119 -0.53 4.00 -2.63
C TYR B 119 -0.35 5.16 -3.62
N MET B 120 0.71 5.92 -3.49
CA MET B 120 0.98 7.02 -4.41
C MET B 120 1.20 6.48 -5.83
N LEU B 121 1.97 5.38 -5.93
CA LEU B 121 2.26 4.77 -7.21
C LEU B 121 1.00 4.26 -7.91
N ALA B 122 0.18 3.52 -7.17
CA ALA B 122 -1.00 2.87 -7.71
C ALA B 122 -2.02 3.90 -8.19
N GLU B 123 -2.20 4.97 -7.42
CA GLU B 123 -3.17 6.00 -7.81
C GLU B 123 -2.65 6.77 -9.02
N GLY B 124 -1.35 7.05 -9.03
CA GLY B 124 -0.73 7.68 -10.20
C GLY B 124 -0.90 6.88 -11.47
N PHE B 125 -0.71 5.57 -11.37
CA PHE B 125 -0.80 4.68 -12.51
C PHE B 125 -2.24 4.43 -12.99
N LYS B 126 -3.20 4.38 -12.07
CA LYS B 126 -4.61 4.18 -12.45
C LYS B 126 -5.24 5.44 -13.05
N GLY B 127 -4.70 6.60 -12.71
CA GLY B 127 -5.27 7.89 -13.12
C GLY B 127 -4.43 8.65 -14.13
N SER B 128 -4.54 9.97 -14.10
CA SER B 128 -3.85 10.82 -15.06
C SER B 128 -2.84 11.68 -14.32
N ILE B 129 -2.27 12.65 -15.04
CA ILE B 129 -1.34 13.61 -14.45
C ILE B 129 -1.93 14.37 -13.25
N LYS B 130 -3.25 14.57 -13.21
CA LYS B 130 -3.91 15.20 -12.06
C LYS B 130 -3.69 14.40 -10.78
N GLU B 131 -3.88 13.09 -10.89
CA GLU B 131 -3.79 12.21 -9.73
C GLU B 131 -2.37 12.11 -9.21
N VAL B 132 -1.37 12.10 -10.10
CA VAL B 132 0.02 12.14 -9.62
C VAL B 132 0.38 13.45 -8.93
N ALA B 133 -0.11 14.58 -9.44
CA ALA B 133 0.13 15.87 -8.80
C ALA B 133 -0.51 15.92 -7.41
N ALA B 134 -1.72 15.38 -7.29
CA ALA B 134 -2.41 15.31 -6.01
C ALA B 134 -1.76 14.33 -5.04
N ALA B 135 -1.26 13.20 -5.55
CA ALA B 135 -0.66 12.17 -4.68
C ALA B 135 0.63 12.59 -4.02
N VAL B 136 1.43 13.43 -4.67
CA VAL B 136 2.74 13.82 -4.11
C VAL B 136 2.72 15.10 -3.25
N LEU B 137 1.58 15.80 -3.26
CA LEU B 137 1.50 17.12 -2.64
C LEU B 137 1.57 17.13 -1.10
N SER B 138 0.84 16.22 -0.43
CA SER B 138 0.81 16.16 1.06
C SER B 138 2.18 16.07 1.69
N CYS B 139 2.99 15.16 1.16
CA CYS B 139 4.33 14.98 1.64
C CYS B 139 5.12 16.31 1.73
N GLY B 140 5.24 17.04 0.62
CA GLY B 140 5.99 18.29 0.62
C GLY B 140 5.31 19.37 1.47
N TRP B 141 4.03 19.56 1.24
CA TRP B 141 3.31 20.63 1.88
C TRP B 141 3.29 20.47 3.41
N SER B 142 3.00 19.27 3.90
CA SER B 142 2.97 19.03 5.35
C SER B 142 4.33 19.24 6.01
N TYR B 143 5.41 18.84 5.34
CA TYR B 143 6.75 19.09 5.88
C TYR B 143 7.03 20.57 5.98
N LEU B 144 6.57 21.32 4.97
CA LEU B 144 6.72 22.76 4.98
C LEU B 144 6.03 23.35 6.21
N VAL B 145 4.77 22.99 6.44
CA VAL B 145 4.04 23.58 7.56
C VAL B 145 4.54 23.07 8.91
N ILE B 146 4.96 21.80 8.95
CA ILE B 146 5.61 21.26 10.15
C ILE B 146 6.86 22.08 10.47
N ALA B 147 7.74 22.26 9.47
CA ALA B 147 8.99 22.98 9.68
C ALA B 147 8.78 24.45 10.01
N GLN B 148 7.77 25.08 9.41
CA GLN B 148 7.44 26.48 9.72
C GLN B 148 6.96 26.60 11.17
N ASN B 149 6.21 25.61 11.62
CA ASN B 149 5.74 25.58 13.01
C ASN B 149 6.87 25.36 14.02
N LEU B 150 7.71 24.37 13.78
CA LEU B 150 8.83 24.07 14.68
C LEU B 150 9.83 25.23 14.77
N SER B 151 9.90 26.03 13.71
CA SER B 151 10.82 27.18 13.61
C SER B 151 10.73 28.22 14.74
N GLN B 152 9.55 28.37 15.32
CA GLN B 152 9.34 29.41 16.30
C GLN B 152 9.14 28.90 17.72
N ILE B 153 10.06 28.05 18.20
CA ILE B 153 9.83 27.42 19.50
C ILE B 153 10.22 28.15 20.85
N PRO B 154 11.43 28.77 20.96
CA PRO B 154 12.57 28.98 20.10
C PRO B 154 13.81 28.18 20.56
N ASN B 155 14.97 28.54 20.01
CA ASN B 155 16.18 27.72 20.06
C ASN B 155 16.07 26.40 19.29
N ALA B 156 14.98 26.26 18.53
CA ALA B 156 14.80 25.09 17.67
C ALA B 156 15.80 25.11 16.53
N LEU B 157 15.93 26.26 15.87
CA LEU B 157 16.86 26.44 14.75
C LEU B 157 18.34 26.39 15.15
N GLU B 158 18.62 26.79 16.39
CA GLU B 158 20.00 26.88 16.89
C GLU B 158 20.54 25.55 17.41
N HIS B 159 19.66 24.56 17.54
CA HIS B 159 20.03 23.24 18.07
C HIS B 159 21.12 22.61 17.20
N ALA B 160 22.18 22.14 17.86
CA ALA B 160 23.37 21.63 17.17
C ALA B 160 23.10 20.45 16.24
N PHE B 161 22.12 19.62 16.61
CA PHE B 161 21.80 18.43 15.86
C PHE B 161 20.55 18.63 14.99
N TYR B 162 19.45 19.07 15.59
CA TYR B 162 18.16 19.16 14.90
C TYR B 162 17.94 20.42 14.05
N GLY B 163 18.75 21.45 14.26
CA GLY B 163 18.63 22.71 13.52
C GLY B 163 18.59 22.56 12.02
N HIS B 164 19.53 21.79 11.48
CA HIS B 164 19.67 21.58 10.05
C HIS B 164 18.38 21.06 9.39
N TRP B 165 17.75 20.07 10.03
CA TRP B 165 16.50 19.49 9.54
C TRP B 165 15.42 20.54 9.44
N ILE B 166 15.24 21.33 10.50
CA ILE B 166 14.23 22.38 10.52
C ILE B 166 14.55 23.48 9.49
N LYS B 167 15.81 23.89 9.42
CA LYS B 167 16.27 24.88 8.45
C LYS B 167 16.00 24.44 7.02
N GLY B 168 16.28 23.17 6.73
CA GLY B 168 16.12 22.62 5.38
C GLY B 168 14.68 22.62 4.87
N TYR B 169 13.76 22.19 5.72
CA TYR B 169 12.37 22.04 5.29
C TYR B 169 11.56 23.32 5.38
N SER B 170 12.17 24.39 5.87
CA SER B 170 11.50 25.68 5.93
C SER B 170 12.19 26.71 5.04
N SER B 171 13.12 26.25 4.22
CA SER B 171 13.93 27.13 3.39
C SER B 171 13.14 27.67 2.20
N LYS B 172 13.69 28.74 1.61
CA LYS B 172 13.14 29.40 0.44
C LYS B 172 13.03 28.43 -0.73
N GLU B 173 14.08 27.63 -0.93
CA GLU B 173 14.11 26.68 -2.03
C GLU B 173 13.09 25.55 -1.85
N PHE B 174 12.93 25.07 -0.63
CA PHE B 174 11.92 24.04 -0.38
C PHE B 174 10.49 24.57 -0.55
N GLN B 175 10.23 25.75 -0.02
CA GLN B 175 8.93 26.41 -0.21
C GLN B 175 8.61 26.57 -1.70
N ALA B 176 9.60 26.92 -2.52
CA ALA B 176 9.40 27.05 -3.96
C ALA B 176 8.99 25.73 -4.61
N CYS B 177 9.59 24.62 -4.19
CA CYS B 177 9.19 23.30 -4.68
C CYS B 177 7.73 23.01 -4.36
N VAL B 178 7.33 23.24 -3.10
CA VAL B 178 5.96 23.04 -2.66
C VAL B 178 5.01 23.96 -3.47
N ASN B 179 5.37 25.23 -3.61
CA ASN B 179 4.60 26.17 -4.41
C ASN B 179 4.43 25.74 -5.87
N TRP B 180 5.47 25.16 -6.48
CA TRP B 180 5.34 24.58 -7.82
C TRP B 180 4.26 23.50 -7.84
N ASN B 181 4.31 22.59 -6.87
CA ASN B 181 3.37 21.47 -6.79
C ASN B 181 1.93 21.95 -6.59
N ILE B 182 1.78 22.97 -5.76
CA ILE B 182 0.49 23.63 -5.51
C ILE B 182 -0.07 24.26 -6.78
N ASN B 183 0.73 25.11 -7.42
CA ASN B 183 0.32 25.79 -8.66
C ASN B 183 0.04 24.82 -9.82
N LEU B 184 0.83 23.75 -9.92
CA LEU B 184 0.61 22.74 -10.96
C LEU B 184 -0.76 22.06 -10.80
N LEU B 185 -1.06 21.62 -9.59
CA LEU B 185 -2.35 21.00 -9.30
C LEU B 185 -3.50 21.95 -9.62
N ASP B 186 -3.38 23.20 -9.20
CA ASP B 186 -4.40 24.20 -9.49
C ASP B 186 -4.59 24.40 -10.99
N SER B 187 -3.50 24.45 -11.74
CA SER B 187 -3.61 24.70 -13.18
C SER B 187 -4.04 23.45 -13.97
N LEU B 188 -3.81 22.26 -13.42
CA LEU B 188 -4.28 21.04 -14.08
C LEU B 188 -5.76 20.77 -13.83
N THR B 189 -6.37 21.50 -12.90
CA THR B 189 -7.71 21.11 -12.47
C THR B 189 -8.81 22.15 -12.71
N LEU B 190 -8.52 23.23 -13.44
CA LEU B 190 -9.55 24.27 -13.57
C LEU B 190 -10.79 23.86 -14.38
N ALA B 191 -10.67 22.75 -15.11
CA ALA B 191 -11.81 22.17 -15.83
C ALA B 191 -12.38 20.88 -15.17
N SER B 192 -11.91 20.54 -13.98
CA SER B 192 -12.35 19.30 -13.33
C SER B 192 -13.78 19.38 -12.77
N SER B 193 -14.52 18.29 -12.93
CA SER B 193 -15.87 18.19 -12.37
C SER B 193 -15.83 18.05 -10.86
N LYS B 194 -17.01 18.17 -10.25
CA LYS B 194 -17.20 17.98 -8.82
C LYS B 194 -16.71 16.61 -8.32
N GLN B 195 -17.03 15.56 -9.08
CA GLN B 195 -16.66 14.19 -8.77
C GLN B 195 -15.14 13.98 -8.82
N GLU B 196 -14.48 14.57 -9.83
CA GLU B 196 -13.02 14.53 -9.95
C GLU B 196 -12.35 15.19 -8.75
N ILE B 197 -12.84 16.36 -8.36
CA ILE B 197 -12.29 17.05 -7.18
C ILE B 197 -12.42 16.20 -5.92
N GLU B 198 -13.53 15.49 -5.78
CA GLU B 198 -13.74 14.62 -4.62
C GLU B 198 -12.74 13.46 -4.59
N LYS B 199 -12.49 12.87 -5.76
CA LYS B 199 -11.47 11.84 -5.93
C LYS B 199 -10.09 12.35 -5.47
N LEU B 200 -9.72 13.54 -5.94
CA LEU B 200 -8.43 14.13 -5.60
C LEU B 200 -8.32 14.43 -4.11
N LYS B 201 -9.43 14.87 -3.52
CA LYS B 201 -9.49 15.12 -2.08
C LYS B 201 -9.25 13.84 -1.29
N GLU B 202 -9.93 12.78 -1.69
CA GLU B 202 -9.76 11.45 -1.12
C GLU B 202 -8.29 10.97 -1.13
N ILE B 203 -7.58 11.22 -2.23
CA ILE B 203 -6.16 10.87 -2.35
C ILE B 203 -5.33 11.68 -1.36
N PHE B 204 -5.62 12.98 -1.31
CA PHE B 204 -4.85 13.94 -0.52
C PHE B 204 -4.99 13.66 0.98
N ILE B 205 -6.18 13.26 1.42
CA ILE B 205 -6.33 12.93 2.83
C ILE B 205 -5.83 11.52 3.17
N THR B 206 -5.96 10.57 2.24
CA THR B 206 -5.35 9.25 2.43
C THR B 206 -3.84 9.37 2.66
N THR B 207 -3.16 10.15 1.81
CA THR B 207 -1.73 10.38 1.96
C THR B 207 -1.37 11.13 3.25
N SER B 208 -2.23 12.06 3.67
CA SER B 208 -2.02 12.74 4.95
C SER B 208 -2.09 11.76 6.14
N GLU B 209 -3.03 10.83 6.09
CA GLU B 209 -3.13 9.72 7.06
C GLU B 209 -1.86 8.87 7.06
N TYR B 210 -1.31 8.59 5.89
CA TYR B 210 -0.08 7.81 5.80
C TYR B 210 1.11 8.58 6.40
N GLU B 211 1.12 9.90 6.24
CA GLU B 211 2.15 10.74 6.83
C GLU B 211 2.11 10.61 8.35
N TYR B 212 0.90 10.64 8.92
CA TYR B 212 0.75 10.51 10.34
C TYR B 212 1.26 9.15 10.80
N LEU B 213 0.92 8.11 10.05
CA LEU B 213 1.34 6.75 10.37
C LEU B 213 2.86 6.57 10.23
N PHE B 214 3.46 7.35 9.33
CA PHE B 214 4.91 7.31 9.12
C PHE B 214 5.65 7.86 10.34
N TRP B 215 5.24 9.03 10.82
CA TRP B 215 5.83 9.62 12.02
C TRP B 215 5.68 8.68 13.22
N ASP B 216 4.50 8.07 13.31
CA ASP B 216 4.16 7.10 14.35
C ASP B 216 5.07 5.89 14.29
N MET B 217 5.22 5.34 13.08
CA MET B 217 6.12 4.21 12.81
C MET B 217 7.54 4.58 13.19
N ALA B 218 7.96 5.80 12.83
CA ALA B 218 9.32 6.26 13.13
C ALA B 218 9.59 6.35 14.65
N TYR B 219 8.55 6.73 15.41
CA TYR B 219 8.64 6.86 16.85
C TYR B 219 8.71 5.50 17.56
N GLN B 220 8.04 4.49 17.01
CA GLN B 220 8.11 3.13 17.55
C GLN B 220 9.47 2.50 17.32
N SER B 221 10.11 2.82 16.19
CA SER B 221 11.42 2.28 15.79
C SER B 221 11.46 0.75 15.78
#